data_2WWH
#
_entry.id   2WWH
#
_cell.length_a   109.539
_cell.length_b   109.539
_cell.length_c   119.351
_cell.angle_alpha   90.00
_cell.angle_beta   90.00
_cell.angle_gamma   120.00
#
_symmetry.space_group_name_H-M   'P 31 2 1'
#
loop_
_entity.id
_entity.type
_entity.pdbx_description
1 polymer 'THYMIDILATE KINASE, PUTATIVE'
2 non-polymer "P1-(5'-ADENOSYL)P5-(5'-THYMIDYL)PENTAPHOSPHATE"
3 non-polymer 'SODIUM ION'
4 water water
#
_entity_poly.entity_id   1
_entity_poly.type   'polypeptide(L)'
_entity_poly.pdbx_seq_one_letter_code
;SHMTDDKKKGKFIVFEGLDRSGKSTQSKLLVEYLKNNNVEVKHLYFPNRETGIGQIISKYLKMENSMSNETIHLLFSANR
WEHMNEIKSLLLKGIWVVCDRYAYSGVAYSSGALNLNKTWCMNPDQGLIKPDVVFYLNVPPNYAQNRSDYGEEIYEKVET
QKKIYETYKHFAHEDYWINIDATRKIEDIHNDIVKEVTKIKVEPEEFNFLWS
;
_entity_poly.pdbx_strand_id   A,B,C
#
# COMPACT_ATOMS: atom_id res chain seq x y z
N HIS A 2 -50.75 -11.36 -20.48
CA HIS A 2 -50.88 -12.01 -19.18
C HIS A 2 -49.79 -11.55 -18.22
N MET A 3 -50.93 -9.45 -18.76
CA MET A 3 -50.96 -8.05 -18.36
C MET A 3 -51.78 -7.86 -17.07
N THR A 4 -52.20 -9.00 -16.51
CA THR A 4 -52.48 -9.10 -15.07
C THR A 4 -51.29 -9.88 -14.49
N ASP A 5 -50.11 -9.28 -14.67
CA ASP A 5 -48.82 -9.87 -14.29
C ASP A 5 -48.37 -9.21 -12.99
N ASP A 6 -48.23 -10.03 -11.94
CA ASP A 6 -47.89 -9.55 -10.60
C ASP A 6 -46.54 -10.10 -10.16
N LYS A 7 -45.57 -10.05 -11.05
CA LYS A 7 -44.30 -10.63 -10.75
C LYS A 7 -43.23 -9.59 -10.46
N LYS A 8 -42.35 -9.94 -9.53
CA LYS A 8 -41.19 -9.15 -9.19
C LYS A 8 -40.20 -9.36 -10.33
N LYS A 9 -39.81 -8.27 -10.99
CA LYS A 9 -38.92 -8.32 -12.13
C LYS A 9 -37.59 -7.66 -11.82
N GLY A 10 -37.61 -6.64 -10.96
CA GLY A 10 -36.38 -6.01 -10.47
C GLY A 10 -35.74 -6.80 -9.34
N LYS A 11 -34.56 -6.38 -8.94
CA LYS A 11 -33.85 -7.04 -7.89
C LYS A 11 -33.73 -6.05 -6.72
N PHE A 12 -33.87 -6.56 -5.49
CA PHE A 12 -33.85 -5.77 -4.26
C PHE A 12 -32.54 -6.04 -3.49
N ILE A 13 -31.71 -5.02 -3.39
CA ILE A 13 -30.43 -5.22 -2.77
C ILE A 13 -30.28 -4.28 -1.59
N VAL A 14 -29.97 -4.84 -0.42
CA VAL A 14 -29.81 -4.04 0.78
C VAL A 14 -28.36 -4.07 1.18
N PHE A 15 -27.85 -2.93 1.63
CA PHE A 15 -26.61 -2.86 2.36
C PHE A 15 -26.92 -2.69 3.82
N GLU A 16 -26.26 -3.45 4.67
CA GLU A 16 -26.40 -3.29 6.10
C GLU A 16 -25.01 -2.96 6.62
N GLY A 17 -24.93 -2.45 7.85
CA GLY A 17 -23.63 -2.11 8.46
C GLY A 17 -23.68 -1.15 9.65
N LEU A 18 -22.57 -1.07 10.38
CA LEU A 18 -22.40 -0.13 11.50
C LEU A 18 -22.43 1.30 11.01
N ASP A 19 -22.30 2.24 11.93
CA ASP A 19 -22.46 3.62 11.53
C ASP A 19 -21.24 4.01 10.77
N ARG A 20 -21.43 4.72 9.67
CA ARG A 20 -20.33 5.32 8.97
C ARG A 20 -19.42 4.23 8.38
N SER A 21 -20.02 3.09 8.06
CA SER A 21 -19.28 1.97 7.50
C SER A 21 -19.11 2.02 5.96
N GLY A 22 -19.78 2.98 5.31
CA GLY A 22 -19.61 3.21 3.88
C GLY A 22 -20.75 2.70 3.04
N LYS A 23 -21.92 2.57 3.66
CA LYS A 23 -23.11 2.10 2.97
C LYS A 23 -23.54 3.03 1.83
N SER A 24 -23.61 4.32 2.09
CA SER A 24 -24.00 5.29 1.05
C SER A 24 -23.05 5.28 -0.14
N THR A 25 -21.75 5.19 0.17
CA THR A 25 -20.71 5.22 -0.82
C THR A 25 -20.85 4.03 -1.73
N GLN A 26 -20.93 2.86 -1.12
CA GLN A 26 -21.12 1.64 -1.87
C GLN A 26 -22.46 1.58 -2.60
N SER A 27 -23.50 2.20 -2.06
CA SER A 27 -24.76 2.17 -2.76
C SER A 27 -24.67 3.04 -4.01
N LYS A 28 -24.03 4.20 -3.90
CA LYS A 28 -23.91 5.11 -5.03
C LYS A 28 -23.15 4.46 -6.18
N LEU A 29 -22.09 3.73 -5.84
CA LEU A 29 -21.27 3.03 -6.83
C LEU A 29 -22.06 1.91 -7.46
N LEU A 30 -22.78 1.15 -6.64
CA LEU A 30 -23.63 0.09 -7.20
C LEU A 30 -24.69 0.70 -8.10
N VAL A 31 -25.19 1.89 -7.74
CA VAL A 31 -26.16 2.55 -8.61
C VAL A 31 -25.55 2.89 -9.98
N GLU A 32 -24.40 3.57 -10.01
CA GLU A 32 -23.84 4.02 -11.29
C GLU A 32 -23.40 2.86 -12.16
N TYR A 33 -22.79 1.84 -11.55
CA TYR A 33 -22.49 0.60 -12.25
C TYR A 33 -23.71 0.02 -12.95
N LEU A 34 -24.87 0.07 -12.31
CA LEU A 34 -26.08 -0.55 -12.85
C LEU A 34 -26.68 0.27 -13.98
N LYS A 35 -26.52 1.59 -13.88
CA LYS A 35 -26.92 2.54 -14.91
C LYS A 35 -26.03 2.39 -16.15
N ASN A 36 -24.85 1.79 -15.95
CA ASN A 36 -23.88 1.67 -17.02
C ASN A 36 -23.95 0.31 -17.65
N ASN A 37 -25.03 -0.39 -17.32
CA ASN A 37 -25.21 -1.68 -17.88
C ASN A 37 -26.64 -1.77 -18.22
N ASN A 38 -27.22 -0.59 -18.46
CA ASN A 38 -28.59 -0.47 -18.93
C ASN A 38 -29.57 -1.15 -17.95
N VAL A 39 -29.29 -1.09 -16.66
CA VAL A 39 -30.23 -1.61 -15.68
C VAL A 39 -30.88 -0.44 -14.99
N GLU A 40 -32.19 -0.50 -14.85
CA GLU A 40 -32.93 0.61 -14.28
C GLU A 40 -32.99 0.42 -12.75
N VAL A 41 -32.59 1.44 -12.01
CA VAL A 41 -32.37 1.29 -10.57
C VAL A 41 -32.89 2.49 -9.80
N LYS A 42 -33.36 2.23 -8.56
CA LYS A 42 -33.56 3.30 -7.54
C LYS A 42 -32.76 3.16 -6.25
N HIS A 43 -32.19 4.28 -5.82
CA HIS A 43 -31.56 4.37 -4.51
C HIS A 43 -32.61 4.75 -3.47
N LEU A 44 -32.75 3.93 -2.43
CA LEU A 44 -33.53 4.28 -1.26
C LEU A 44 -32.65 4.01 -0.10
N TYR A 45 -33.06 4.59 1.04
CA TYR A 45 -32.46 4.36 2.34
C TYR A 45 -33.46 4.42 3.50
N PHE A 46 -32.97 4.05 4.67
CA PHE A 46 -33.73 3.96 5.87
C PHE A 46 -32.82 4.31 7.03
N PRO A 47 -33.31 5.18 7.94
CA PRO A 47 -34.68 5.71 7.90
C PRO A 47 -34.75 6.82 6.90
N ASN A 48 -35.94 6.96 6.30
CA ASN A 48 -36.23 8.09 5.47
C ASN A 48 -36.79 9.19 6.34
N ARG A 49 -35.92 10.15 6.63
CA ARG A 49 -36.16 11.19 7.62
C ARG A 49 -37.06 12.33 7.09
N GLU A 50 -37.56 12.24 5.86
CA GLU A 50 -38.35 13.35 5.27
C GLU A 50 -39.86 13.25 5.54
N THR A 51 -40.33 12.07 5.97
CA THR A 51 -41.74 11.89 6.19
C THR A 51 -42.06 12.36 7.60
N GLY A 52 -43.35 12.30 7.95
CA GLY A 52 -43.79 12.63 9.31
C GLY A 52 -43.09 11.75 10.34
N ILE A 53 -43.28 10.43 10.20
CA ILE A 53 -42.59 9.50 11.06
C ILE A 53 -41.11 9.85 11.10
N GLY A 54 -40.52 10.03 9.92
CA GLY A 54 -39.08 10.09 9.79
C GLY A 54 -38.56 11.33 10.46
N GLN A 55 -39.40 12.35 10.53
CA GLN A 55 -38.97 13.56 11.19
C GLN A 55 -38.75 13.30 12.66
N ILE A 56 -39.64 12.50 13.25
CA ILE A 56 -39.54 12.17 14.66
C ILE A 56 -38.31 11.28 14.86
N ILE A 57 -38.12 10.33 13.96
CA ILE A 57 -36.93 9.48 14.04
C ILE A 57 -35.69 10.34 14.05
N SER A 58 -35.65 11.32 13.13
CA SER A 58 -34.49 12.19 13.03
C SER A 58 -34.23 12.94 14.33
N LYS A 59 -35.30 13.43 14.97
CA LYS A 59 -35.17 14.04 16.28
C LYS A 59 -34.57 13.08 17.31
N TYR A 60 -35.04 11.85 17.30
CA TYR A 60 -34.53 10.88 18.21
C TYR A 60 -33.04 10.66 18.02
N LEU A 61 -32.61 10.50 16.75
CA LEU A 61 -31.20 10.15 16.45
C LEU A 61 -30.23 11.26 16.83
N LYS A 62 -30.70 12.51 16.70
CA LYS A 62 -29.92 13.67 17.07
C LYS A 62 -30.07 14.00 18.56
N MET A 63 -30.82 13.19 19.30
CA MET A 63 -30.94 13.39 20.73
C MET A 63 -31.59 14.71 21.04
N GLU A 64 -32.36 15.23 20.09
CA GLU A 64 -33.20 16.41 20.30
C GLU A 64 -34.46 16.06 21.10
N ASN A 65 -34.82 14.77 21.11
CA ASN A 65 -35.89 14.26 21.95
C ASN A 65 -35.42 12.98 22.62
N SER A 66 -36.21 12.44 23.55
CA SER A 66 -36.05 11.04 23.95
C SER A 66 -37.38 10.40 23.70
N MET A 67 -37.38 9.06 23.54
CA MET A 67 -38.59 8.25 23.39
C MET A 67 -38.26 6.86 23.90
N SER A 68 -39.27 6.17 24.41
CA SER A 68 -39.04 4.81 24.90
C SER A 68 -38.56 3.84 23.80
N ASN A 69 -37.82 2.84 24.25
CA ASN A 69 -37.28 1.83 23.38
C ASN A 69 -38.31 1.32 22.37
N GLU A 70 -39.48 0.92 22.86
CA GLU A 70 -40.44 0.30 21.99
C GLU A 70 -41.03 1.31 21.02
N THR A 71 -41.19 2.55 21.48
CA THR A 71 -41.80 3.57 20.62
C THR A 71 -40.90 3.79 19.40
N ILE A 72 -39.60 3.99 19.64
CA ILE A 72 -38.66 4.25 18.56
C ILE A 72 -38.63 3.03 17.61
N HIS A 73 -38.43 1.85 18.16
CA HIS A 73 -38.40 0.66 17.35
C HIS A 73 -39.58 0.61 16.41
N LEU A 74 -40.75 0.87 16.95
CA LEU A 74 -41.93 0.74 16.15
C LEU A 74 -42.01 1.86 15.13
N LEU A 75 -41.45 3.04 15.40
CA LEU A 75 -41.42 4.07 14.36
C LEU A 75 -40.55 3.67 13.18
N PHE A 76 -39.41 3.06 13.48
CA PHE A 76 -38.47 2.57 12.47
C PHE A 76 -39.13 1.56 11.55
N SER A 77 -39.88 0.63 12.10
CA SER A 77 -40.61 -0.32 11.26
C SER A 77 -41.67 0.37 10.41
N ALA A 78 -42.40 1.29 11.03
CA ALA A 78 -43.47 1.99 10.35
C ALA A 78 -42.91 2.79 9.22
N ASN A 79 -41.70 3.31 9.38
CA ASN A 79 -41.06 4.17 8.38
C ASN A 79 -40.75 3.35 7.10
N ARG A 80 -40.68 2.03 7.26
CA ARG A 80 -40.50 1.18 6.12
C ARG A 80 -41.83 0.82 5.53
N TRP A 81 -42.78 0.44 6.36
CA TRP A 81 -44.04 0.04 5.80
C TRP A 81 -44.60 1.13 4.88
N GLU A 82 -44.34 2.39 5.21
CA GLU A 82 -44.87 3.53 4.43
C GLU A 82 -44.25 3.62 3.02
N HIS A 83 -43.22 2.80 2.78
CA HIS A 83 -42.55 2.71 1.50
C HIS A 83 -42.73 1.37 0.78
N MET A 84 -43.50 0.44 1.32
CA MET A 84 -43.68 -0.83 0.67
C MET A 84 -44.43 -0.69 -0.65
N ASN A 85 -45.27 0.32 -0.73
CA ASN A 85 -45.96 0.58 -1.95
C ASN A 85 -45.04 1.07 -3.04
N GLU A 86 -44.11 1.92 -2.67
CA GLU A 86 -43.23 2.53 -3.61
C GLU A 86 -42.32 1.45 -4.14
N ILE A 87 -41.97 0.51 -3.26
CA ILE A 87 -40.97 -0.49 -3.54
C ILE A 87 -41.60 -1.64 -4.28
N LYS A 88 -42.85 -1.96 -3.97
CA LYS A 88 -43.52 -2.97 -4.76
C LYS A 88 -43.69 -2.49 -6.22
N SER A 89 -43.95 -1.18 -6.38
CA SER A 89 -44.20 -0.59 -7.68
C SER A 89 -42.98 -0.59 -8.55
N LEU A 90 -41.82 -0.29 -7.95
CA LEU A 90 -40.60 -0.22 -8.72
C LEU A 90 -40.19 -1.61 -9.20
N LEU A 91 -40.32 -2.60 -8.32
CA LEU A 91 -39.92 -3.96 -8.60
C LEU A 91 -40.88 -4.63 -9.57
N LEU A 92 -42.19 -4.37 -9.43
CA LEU A 92 -43.17 -4.84 -10.43
C LEU A 92 -42.71 -4.39 -11.84
N LYS A 93 -42.18 -3.18 -11.91
CA LYS A 93 -41.88 -2.55 -13.18
C LYS A 93 -40.59 -3.05 -13.82
N GLY A 94 -39.72 -3.65 -13.00
CA GLY A 94 -38.40 -4.06 -13.44
C GLY A 94 -37.31 -3.16 -12.95
N ILE A 95 -37.65 -2.09 -12.25
CA ILE A 95 -36.61 -1.28 -11.64
C ILE A 95 -36.03 -1.96 -10.38
N TRP A 96 -34.72 -2.08 -10.36
CA TRP A 96 -34.00 -2.61 -9.23
C TRP A 96 -34.01 -1.57 -8.17
N VAL A 97 -33.95 -2.01 -6.91
CA VAL A 97 -33.86 -1.12 -5.75
C VAL A 97 -32.60 -1.47 -4.99
N VAL A 98 -31.79 -0.45 -4.77
CA VAL A 98 -30.60 -0.59 -3.98
C VAL A 98 -30.91 0.24 -2.75
N CYS A 99 -31.14 -0.45 -1.63
CA CYS A 99 -31.56 0.19 -0.41
C CYS A 99 -30.45 0.24 0.60
N ASP A 100 -30.28 1.38 1.22
CA ASP A 100 -29.27 1.54 2.24
C ASP A 100 -29.97 1.46 3.66
N ARG A 101 -29.77 0.31 4.34
CA ARG A 101 -30.41 -0.12 5.61
C ARG A 101 -31.83 -0.67 5.40
N TYR A 102 -32.19 -1.67 6.18
CA TYR A 102 -33.54 -2.23 6.13
C TYR A 102 -33.94 -2.75 7.52
N ALA A 103 -34.70 -3.83 7.56
CA ALA A 103 -35.22 -4.39 8.81
C ALA A 103 -34.12 -4.94 9.69
N TYR A 104 -33.03 -5.38 9.07
CA TYR A 104 -31.90 -5.97 9.79
C TYR A 104 -31.33 -4.90 10.70
N SER A 105 -31.25 -3.65 10.21
CA SER A 105 -30.78 -2.55 11.05
C SER A 105 -31.65 -2.48 12.31
N GLY A 106 -32.97 -2.66 12.12
CA GLY A 106 -33.92 -2.54 13.21
C GLY A 106 -33.67 -3.57 14.31
N VAL A 107 -33.48 -4.82 13.90
CA VAL A 107 -33.35 -5.90 14.85
C VAL A 107 -32.00 -5.75 15.54
N ALA A 108 -31.00 -5.41 14.75
CA ALA A 108 -29.67 -5.39 15.27
C ALA A 108 -29.50 -4.21 16.22
N TYR A 109 -29.98 -3.02 15.83
CA TYR A 109 -29.76 -1.83 16.66
C TYR A 109 -30.64 -1.83 17.88
N SER A 110 -31.89 -2.28 17.72
CA SER A 110 -32.76 -2.36 18.89
C SER A 110 -32.28 -3.35 19.93
N SER A 111 -31.91 -4.57 19.51
CA SER A 111 -31.66 -5.63 20.49
C SER A 111 -30.29 -5.47 21.07
N GLY A 112 -29.44 -4.76 20.36
CA GLY A 112 -28.08 -4.54 20.82
C GLY A 112 -27.97 -3.27 21.64
N ALA A 113 -28.23 -2.14 21.02
CA ALA A 113 -28.22 -0.88 21.74
C ALA A 113 -29.26 -0.77 22.82
N LEU A 114 -30.41 -1.43 22.67
CA LEU A 114 -31.53 -1.22 23.59
C LEU A 114 -31.94 -2.51 24.36
N ASN A 115 -31.12 -3.54 24.28
CA ASN A 115 -31.52 -4.87 24.73
C ASN A 115 -33.01 -5.16 24.62
N LEU A 116 -33.60 -5.01 23.43
CA LEU A 116 -34.93 -5.59 23.21
C LEU A 116 -34.80 -7.05 22.77
N ASN A 117 -35.91 -7.77 22.79
CA ASN A 117 -35.90 -9.18 22.47
C ASN A 117 -35.88 -9.36 20.93
N LYS A 118 -34.89 -10.13 20.43
CA LYS A 118 -34.75 -10.42 19.01
C LYS A 118 -36.12 -10.61 18.33
N THR A 119 -36.94 -11.52 18.87
CA THR A 119 -38.23 -11.89 18.22
C THR A 119 -39.27 -10.75 18.29
N TRP A 120 -39.31 -10.04 19.41
CA TRP A 120 -40.24 -8.96 19.54
C TRP A 120 -39.92 -7.89 18.50
N CYS A 121 -38.61 -7.70 18.24
CA CYS A 121 -38.11 -6.72 17.30
C CYS A 121 -38.39 -7.08 15.88
N MET A 122 -38.46 -8.37 15.58
CA MET A 122 -38.66 -8.84 14.24
C MET A 122 -40.11 -8.73 13.88
N ASN A 123 -40.97 -9.06 14.85
CA ASN A 123 -42.41 -9.17 14.58
C ASN A 123 -42.96 -8.05 13.68
N PRO A 124 -42.74 -6.77 14.04
CA PRO A 124 -43.46 -5.75 13.24
C PRO A 124 -43.01 -5.60 11.77
N ASP A 125 -41.79 -6.04 11.44
CA ASP A 125 -41.23 -5.94 10.12
C ASP A 125 -41.64 -7.22 9.36
N GLN A 126 -42.22 -8.19 10.05
CA GLN A 126 -42.65 -9.38 9.36
C GLN A 126 -43.67 -9.03 8.31
N GLY A 127 -43.51 -9.60 7.10
CA GLY A 127 -44.33 -9.26 5.90
C GLY A 127 -43.80 -8.12 5.01
N LEU A 128 -42.68 -7.51 5.38
CA LEU A 128 -41.98 -6.60 4.48
C LEU A 128 -41.42 -7.39 3.29
N ILE A 129 -41.15 -6.69 2.17
CA ILE A 129 -40.65 -7.36 0.99
C ILE A 129 -39.25 -7.81 1.33
N LYS A 130 -38.93 -9.06 1.00
CA LYS A 130 -37.59 -9.59 1.24
C LYS A 130 -36.66 -9.27 0.10
N PRO A 131 -35.48 -8.73 0.40
CA PRO A 131 -34.53 -8.43 -0.66
C PRO A 131 -33.85 -9.71 -1.14
N ASP A 132 -33.11 -9.59 -2.23
CA ASP A 132 -32.53 -10.75 -2.87
C ASP A 132 -31.19 -11.08 -2.25
N VAL A 133 -30.49 -10.03 -1.85
CA VAL A 133 -29.20 -10.16 -1.23
C VAL A 133 -29.01 -9.00 -0.26
N VAL A 134 -28.38 -9.28 0.87
CA VAL A 134 -27.93 -8.23 1.73
C VAL A 134 -26.40 -8.22 1.73
N PHE A 135 -25.81 -7.09 1.42
CA PHE A 135 -24.42 -6.94 1.67
C PHE A 135 -24.16 -6.36 3.05
N TYR A 136 -23.35 -7.03 3.85
CA TYR A 136 -22.99 -6.55 5.16
C TYR A 136 -21.62 -5.90 5.11
N LEU A 137 -21.59 -4.59 5.26
CA LEU A 137 -20.32 -3.91 5.28
C LEU A 137 -19.70 -4.09 6.64
N ASN A 138 -18.93 -5.18 6.79
CA ASN A 138 -18.37 -5.60 8.06
C ASN A 138 -17.13 -4.83 8.44
N VAL A 139 -17.19 -4.07 9.54
CA VAL A 139 -16.04 -3.32 10.11
C VAL A 139 -16.03 -3.44 11.64
N PRO A 140 -14.82 -3.62 12.25
CA PRO A 140 -14.77 -3.79 13.71
C PRO A 140 -15.46 -2.62 14.42
N PRO A 141 -16.02 -2.86 15.63
CA PRO A 141 -16.69 -1.80 16.35
C PRO A 141 -15.88 -0.52 16.53
N ASN A 142 -14.55 -0.62 16.70
CA ASN A 142 -13.72 0.61 16.84
C ASN A 142 -13.27 1.26 15.55
N TYR A 143 -13.53 0.58 14.43
CA TYR A 143 -12.95 0.94 13.11
C TYR A 143 -13.27 2.33 12.55
N ALA A 144 -14.54 2.70 12.57
CA ALA A 144 -14.97 3.87 11.83
C ALA A 144 -14.94 5.14 12.64
N GLN A 145 -14.51 5.06 13.89
CA GLN A 145 -14.70 6.18 14.83
C GLN A 145 -13.94 7.45 14.44
N ASN A 146 -13.17 7.34 13.36
CA ASN A 146 -12.32 8.42 12.87
C ASN A 146 -12.81 9.09 11.57
N ARG A 147 -13.88 8.54 10.96
CA ARG A 147 -14.45 9.08 9.73
C ARG A 147 -15.22 10.37 10.05
N SER A 148 -15.62 11.09 9.00
CA SER A 148 -16.19 12.44 9.09
C SER A 148 -16.90 12.92 10.36
N ASP A 149 -18.21 12.67 10.50
CA ASP A 149 -18.97 13.30 11.62
C ASP A 149 -19.39 12.30 12.69
N TYR A 150 -18.50 11.40 13.06
CA TYR A 150 -18.84 10.34 14.00
C TYR A 150 -19.02 10.84 15.43
N GLY A 151 -20.07 10.35 16.10
CA GLY A 151 -20.36 10.68 17.48
C GLY A 151 -21.48 11.69 17.54
N GLU A 152 -21.86 12.22 16.40
CA GLU A 152 -22.92 13.20 16.35
C GLU A 152 -24.35 12.69 16.61
N GLU A 153 -24.55 11.37 16.52
CA GLU A 153 -25.86 10.77 16.68
C GLU A 153 -25.86 9.62 17.71
N ILE A 154 -27.05 9.26 18.18
CA ILE A 154 -27.21 8.56 19.43
C ILE A 154 -26.45 7.26 19.58
N TYR A 155 -26.38 6.47 18.52
CA TYR A 155 -25.70 5.20 18.67
C TYR A 155 -24.16 5.24 18.44
N GLU A 156 -23.62 6.44 18.21
CA GLU A 156 -22.23 6.57 17.78
C GLU A 156 -21.22 6.68 18.93
N LYS A 157 -21.14 5.60 19.69
CA LYS A 157 -20.18 5.46 20.77
C LYS A 157 -19.66 4.05 20.58
N VAL A 158 -18.35 3.89 20.75
CA VAL A 158 -17.73 2.59 20.52
C VAL A 158 -18.40 1.49 21.37
N GLU A 159 -18.75 1.81 22.62
CA GLU A 159 -19.37 0.82 23.49
C GLU A 159 -20.68 0.32 22.89
N THR A 160 -21.46 1.25 22.33
CA THR A 160 -22.69 0.88 21.66
C THR A 160 -22.44 0.10 20.39
N GLN A 161 -21.59 0.65 19.53
CA GLN A 161 -21.18 -0.06 18.32
C GLN A 161 -20.73 -1.50 18.56
N LYS A 162 -19.96 -1.74 19.63
CA LYS A 162 -19.63 -3.12 20.03
C LYS A 162 -20.87 -4.00 20.21
N LYS A 163 -21.92 -3.50 20.85
CA LYS A 163 -23.08 -4.37 21.09
C LYS A 163 -23.80 -4.68 19.79
N ILE A 164 -23.95 -3.64 18.97
CA ILE A 164 -24.62 -3.75 17.67
C ILE A 164 -23.86 -4.70 16.72
N TYR A 165 -22.52 -4.59 16.70
CA TYR A 165 -21.68 -5.58 16.03
C TYR A 165 -22.07 -7.02 16.38
N GLU A 166 -22.38 -7.25 17.66
CA GLU A 166 -22.67 -8.58 18.20
C GLU A 166 -24.02 -9.09 17.78
N THR A 167 -24.97 -8.16 17.60
CA THR A 167 -26.34 -8.56 17.28
C THR A 167 -26.62 -8.60 15.77
N TYR A 168 -25.77 -7.92 15.00
CA TYR A 168 -25.80 -8.13 13.55
C TYR A 168 -25.53 -9.60 13.25
N LYS A 169 -24.84 -10.27 14.17
CA LYS A 169 -24.56 -11.69 14.04
C LYS A 169 -25.81 -12.53 14.02
N HIS A 170 -26.92 -11.92 14.45
CA HIS A 170 -28.22 -12.58 14.37
C HIS A 170 -28.58 -12.97 12.94
N PHE A 171 -27.93 -12.40 11.91
CA PHE A 171 -28.29 -12.77 10.52
C PHE A 171 -27.10 -13.36 9.76
N ALA A 172 -25.97 -13.47 10.46
CA ALA A 172 -24.67 -13.68 9.88
C ALA A 172 -24.55 -14.97 9.10
N HIS A 173 -25.43 -15.92 9.41
CA HIS A 173 -25.39 -17.26 8.81
C HIS A 173 -26.63 -17.54 7.97
N GLU A 174 -27.18 -16.52 7.31
CA GLU A 174 -28.43 -16.71 6.53
C GLU A 174 -28.15 -16.78 5.03
N ASP A 175 -28.98 -17.44 4.23
CA ASP A 175 -28.54 -17.60 2.83
C ASP A 175 -28.28 -16.28 2.11
N TYR A 176 -29.06 -15.25 2.42
CA TYR A 176 -29.06 -13.97 1.70
C TYR A 176 -28.03 -13.00 2.21
N TRP A 177 -27.29 -13.39 3.22
CA TRP A 177 -26.46 -12.45 3.92
C TRP A 177 -25.04 -12.65 3.47
N ILE A 178 -24.41 -11.60 2.92
CA ILE A 178 -23.05 -11.72 2.43
C ILE A 178 -22.09 -10.76 3.11
N ASN A 179 -21.27 -11.30 4.02
CA ASN A 179 -20.24 -10.53 4.70
C ASN A 179 -19.30 -9.97 3.67
N ILE A 180 -18.99 -8.69 3.74
CA ILE A 180 -18.00 -8.07 2.88
C ILE A 180 -17.09 -7.34 3.85
N ASP A 181 -15.79 -7.51 3.63
CA ASP A 181 -14.81 -6.89 4.50
C ASP A 181 -14.76 -5.43 4.10
N ALA A 182 -15.27 -4.57 4.95
CA ALA A 182 -15.31 -3.20 4.55
C ALA A 182 -14.14 -2.38 5.06
N THR A 183 -13.06 -3.04 5.51
CA THR A 183 -11.93 -2.29 6.06
C THR A 183 -10.90 -1.90 5.01
N ARG A 184 -11.34 -1.89 3.76
CA ARG A 184 -10.49 -1.80 2.59
C ARG A 184 -10.78 -0.58 1.74
N LYS A 185 -9.92 -0.33 0.77
CA LYS A 185 -10.07 0.76 -0.16
C LYS A 185 -11.44 0.58 -0.84
N ILE A 186 -12.07 1.70 -1.19
CA ILE A 186 -13.43 1.76 -1.72
C ILE A 186 -13.70 0.82 -2.88
N GLU A 187 -12.74 0.76 -3.82
CA GLU A 187 -12.95 -0.03 -5.04
C GLU A 187 -12.64 -1.49 -4.84
N ASP A 188 -11.81 -1.84 -3.84
CA ASP A 188 -11.70 -3.26 -3.50
C ASP A 188 -13.10 -3.68 -3.07
N ILE A 189 -13.74 -2.86 -2.23
CA ILE A 189 -15.08 -3.19 -1.73
C ILE A 189 -16.04 -3.26 -2.91
N HIS A 190 -16.09 -2.17 -3.68
CA HIS A 190 -17.00 -2.15 -4.81
C HIS A 190 -16.93 -3.40 -5.70
N ASN A 191 -15.70 -3.82 -6.05
CA ASN A 191 -15.51 -4.93 -6.98
C ASN A 191 -16.15 -6.20 -6.47
N ASP A 192 -15.81 -6.56 -5.23
CA ASP A 192 -16.42 -7.70 -4.55
C ASP A 192 -17.93 -7.63 -4.63
N ILE A 193 -18.48 -6.42 -4.60
CA ILE A 193 -19.94 -6.28 -4.62
C ILE A 193 -20.42 -6.62 -6.01
N VAL A 194 -19.79 -6.00 -7.01
CA VAL A 194 -20.09 -6.32 -8.42
C VAL A 194 -20.00 -7.83 -8.63
N LYS A 195 -18.88 -8.44 -8.23
CA LYS A 195 -18.69 -9.89 -8.36
C LYS A 195 -19.93 -10.68 -7.91
N GLU A 196 -20.38 -10.45 -6.68
CA GLU A 196 -21.63 -11.07 -6.23
C GLU A 196 -22.94 -10.60 -6.94
N VAL A 197 -23.05 -9.31 -7.25
CA VAL A 197 -24.23 -8.81 -7.95
C VAL A 197 -24.32 -9.47 -9.32
N THR A 198 -23.15 -9.72 -9.89
CA THR A 198 -22.99 -10.33 -11.21
C THR A 198 -23.56 -11.75 -11.27
N LYS A 199 -23.42 -12.52 -10.19
CA LYS A 199 -23.98 -13.87 -10.10
C LYS A 199 -25.49 -13.86 -9.88
N ILE A 200 -26.21 -12.93 -10.47
CA ILE A 200 -27.66 -12.93 -10.27
C ILE A 200 -28.36 -13.11 -11.61
N LYS A 201 -29.00 -14.27 -11.76
CA LYS A 201 -29.95 -14.53 -12.85
C LYS A 201 -31.14 -13.59 -12.62
N VAL A 202 -31.63 -12.97 -13.69
CA VAL A 202 -32.56 -11.86 -13.58
C VAL A 202 -33.98 -12.12 -14.03
N GLU A 203 -34.49 -13.35 -14.03
CA GLU A 203 -35.87 -13.55 -14.51
C GLU A 203 -37.05 -13.42 -13.52
N PRO A 204 -38.09 -12.65 -13.91
CA PRO A 204 -39.30 -12.53 -13.12
C PRO A 204 -39.51 -13.68 -12.15
N GLU A 205 -40.04 -13.36 -10.96
CA GLU A 205 -40.33 -14.30 -9.88
C GLU A 205 -41.43 -13.74 -9.01
N GLU A 206 -41.93 -14.53 -8.09
CA GLU A 206 -42.89 -14.03 -7.14
C GLU A 206 -42.17 -13.31 -6.02
N PHE A 207 -42.87 -12.41 -5.35
CA PHE A 207 -42.29 -11.69 -4.24
C PHE A 207 -42.12 -12.63 -3.04
N ASN A 208 -41.11 -12.33 -2.22
CA ASN A 208 -40.91 -12.98 -0.92
C ASN A 208 -40.99 -11.95 0.20
N PHE A 209 -41.41 -12.38 1.39
CA PHE A 209 -41.56 -11.48 2.49
C PHE A 209 -40.80 -11.92 3.71
N LEU A 210 -40.26 -10.95 4.48
CA LEU A 210 -39.65 -11.25 5.79
C LEU A 210 -40.71 -11.90 6.67
N TRP A 211 -40.37 -12.92 7.48
CA TRP A 211 -38.98 -13.34 7.70
C TRP A 211 -38.70 -14.76 7.19
N SER A 212 -39.25 -15.06 6.02
CA SER A 212 -39.03 -16.33 5.40
C SER A 212 -37.61 -16.46 4.82
N MET B 3 12.73 -7.85 31.82
CA MET B 3 14.07 -7.15 31.86
C MET B 3 14.78 -7.16 30.49
N THR B 4 14.37 -8.11 29.67
CA THR B 4 14.70 -8.11 28.27
C THR B 4 13.33 -7.68 27.73
N ASP B 5 13.13 -6.36 27.62
CA ASP B 5 11.85 -5.79 27.13
C ASP B 5 11.97 -5.29 25.68
N ASP B 6 11.03 -5.70 24.84
CA ASP B 6 11.03 -5.25 23.45
C ASP B 6 9.76 -4.45 23.12
N LYS B 7 9.17 -3.80 24.10
CA LYS B 7 7.89 -3.16 23.85
C LYS B 7 7.98 -1.67 23.56
N LYS B 8 7.26 -1.27 22.53
CA LYS B 8 7.03 0.13 22.16
C LYS B 8 6.28 0.85 23.30
N LYS B 9 6.85 1.95 23.77
CA LYS B 9 6.36 2.64 24.95
C LYS B 9 5.99 4.09 24.67
N GLY B 10 6.59 4.67 23.64
CA GLY B 10 6.19 5.99 23.16
C GLY B 10 5.09 5.86 22.12
N LYS B 11 4.45 6.98 21.79
CA LYS B 11 3.47 6.96 20.70
C LYS B 11 4.10 7.54 19.43
N PHE B 12 3.66 7.04 18.27
CA PHE B 12 4.24 7.43 16.99
C PHE B 12 3.20 8.14 16.10
N ILE B 13 3.41 9.43 15.87
CA ILE B 13 2.39 10.21 15.20
C ILE B 13 2.89 10.77 13.90
N VAL B 14 2.21 10.47 12.79
CA VAL B 14 2.69 10.93 11.49
C VAL B 14 1.79 12.00 10.86
N PHE B 15 2.38 13.09 10.36
CA PHE B 15 1.62 13.97 9.48
C PHE B 15 1.83 13.61 8.03
N GLU B 16 0.73 13.50 7.30
CA GLU B 16 0.78 13.37 5.86
C GLU B 16 0.00 14.51 5.24
N GLY B 17 0.23 14.78 3.96
CA GLY B 17 -0.41 15.94 3.34
C GLY B 17 0.27 16.39 2.07
N LEU B 18 -0.38 17.25 1.32
CA LEU B 18 0.19 17.76 0.06
C LEU B 18 1.22 18.82 0.37
N ASP B 19 1.87 19.32 -0.66
CA ASP B 19 2.98 20.23 -0.44
C ASP B 19 2.50 21.50 0.21
N ARG B 20 3.28 21.96 1.19
CA ARG B 20 3.02 23.23 1.87
C ARG B 20 1.73 23.21 2.73
N SER B 21 1.24 22.01 3.06
CA SER B 21 -0.08 21.89 3.69
C SER B 21 -0.15 22.20 5.21
N GLY B 22 0.99 22.54 5.82
CA GLY B 22 1.00 22.98 7.22
C GLY B 22 1.54 21.96 8.19
N LYS B 23 2.17 20.90 7.64
CA LYS B 23 2.78 19.82 8.42
C LYS B 23 3.87 20.28 9.38
N SER B 24 4.80 21.12 8.95
CA SER B 24 5.78 21.68 9.92
C SER B 24 5.08 22.56 10.94
N THR B 25 4.11 23.35 10.49
CA THR B 25 3.40 24.27 11.37
C THR B 25 2.69 23.51 12.49
N GLN B 26 2.08 22.39 12.13
CA GLN B 26 1.26 21.66 13.06
C GLN B 26 2.10 20.86 14.02
N SER B 27 3.08 20.12 13.47
CA SER B 27 3.91 19.25 14.30
C SER B 27 4.78 20.02 15.28
N LYS B 28 5.35 21.16 14.86
CA LYS B 28 6.02 22.05 15.81
C LYS B 28 5.09 22.26 17.02
N LEU B 29 3.88 22.77 16.75
CA LEU B 29 2.88 23.05 17.81
C LEU B 29 2.51 21.81 18.62
N LEU B 30 2.25 20.69 17.94
CA LEU B 30 1.92 19.45 18.65
C LEU B 30 3.02 19.12 19.63
N VAL B 31 4.25 19.01 19.11
CA VAL B 31 5.47 18.81 19.90
C VAL B 31 5.57 19.79 21.07
N GLU B 32 5.30 21.07 20.81
CA GLU B 32 5.34 22.09 21.83
C GLU B 32 4.29 21.79 22.89
N TYR B 33 3.11 21.36 22.45
CA TYR B 33 2.07 21.02 23.36
C TYR B 33 2.44 19.78 24.15
N LEU B 34 3.15 18.86 23.52
CA LEU B 34 3.50 17.63 24.21
C LEU B 34 4.54 17.88 25.30
N LYS B 35 5.38 18.89 25.08
CA LYS B 35 6.46 19.24 26.00
C LYS B 35 5.99 19.95 27.29
N ASN B 36 4.81 20.56 27.25
CA ASN B 36 4.30 21.21 28.43
C ASN B 36 3.35 20.28 29.17
N ASN B 37 3.54 18.97 29.03
CA ASN B 37 2.67 18.00 29.66
C ASN B 37 3.40 16.75 30.09
N ASN B 38 4.61 16.93 30.63
CA ASN B 38 5.45 15.82 31.05
C ASN B 38 5.62 14.68 30.01
N VAL B 39 5.31 14.93 28.73
CA VAL B 39 5.52 13.94 27.65
C VAL B 39 6.83 14.23 26.93
N GLU B 40 7.67 13.20 26.76
CA GLU B 40 8.92 13.38 26.03
C GLU B 40 8.72 13.03 24.56
N VAL B 41 9.33 13.81 23.66
CA VAL B 41 9.13 13.68 22.22
C VAL B 41 10.30 14.23 21.40
N LYS B 42 10.64 13.50 20.33
CA LYS B 42 11.62 13.93 19.35
C LYS B 42 10.86 14.25 18.09
N HIS B 43 11.19 15.36 17.45
CA HIS B 43 10.63 15.71 16.15
C HIS B 43 11.45 15.22 14.97
N LEU B 44 10.88 14.34 14.16
CA LEU B 44 11.55 13.84 12.95
C LEU B 44 10.83 14.29 11.69
N TYR B 45 11.44 14.02 10.53
CA TYR B 45 10.90 14.44 9.23
C TYR B 45 11.53 13.67 8.09
N PHE B 46 10.75 13.35 7.06
CA PHE B 46 11.27 12.81 5.78
C PHE B 46 10.88 13.69 4.60
N PRO B 47 11.79 13.84 3.63
CA PRO B 47 13.11 13.23 3.70
C PRO B 47 14.01 14.00 4.65
N ASN B 48 14.91 13.25 5.28
CA ASN B 48 16.02 13.83 5.99
C ASN B 48 17.15 14.08 5.01
N ARG B 49 17.35 15.35 4.69
CA ARG B 49 18.28 15.78 3.66
C ARG B 49 19.72 15.91 4.14
N GLU B 50 19.99 15.48 5.37
CA GLU B 50 21.34 15.64 5.90
C GLU B 50 22.21 14.41 5.61
N THR B 51 21.59 13.23 5.60
CA THR B 51 22.34 11.98 5.38
C THR B 51 22.91 11.90 3.94
N GLY B 52 23.77 10.90 3.69
CA GLY B 52 24.35 10.72 2.36
C GLY B 52 23.22 10.60 1.37
N ILE B 53 22.39 9.59 1.59
CA ILE B 53 21.20 9.34 0.81
C ILE B 53 20.35 10.57 0.76
N GLY B 54 20.29 11.25 1.90
CA GLY B 54 19.42 12.41 2.02
C GLY B 54 19.85 13.59 1.18
N GLN B 55 21.17 13.77 1.07
CA GLN B 55 21.75 14.84 0.26
C GLN B 55 21.38 14.72 -1.23
N ILE B 56 21.25 13.48 -1.69
CA ILE B 56 20.89 13.17 -3.06
C ILE B 56 19.40 13.42 -3.29
N ILE B 57 18.56 12.97 -2.35
CA ILE B 57 17.14 13.31 -2.43
C ILE B 57 17.03 14.82 -2.57
N SER B 58 17.59 15.57 -1.65
CA SER B 58 17.47 17.03 -1.72
C SER B 58 17.78 17.55 -3.09
N LYS B 59 18.92 17.13 -3.64
CA LYS B 59 19.36 17.64 -4.94
C LYS B 59 18.30 17.33 -5.98
N TYR B 60 17.74 16.13 -5.92
CA TYR B 60 16.66 15.78 -6.83
C TYR B 60 15.49 16.72 -6.70
N LEU B 61 15.06 16.97 -5.46
CA LEU B 61 13.90 17.83 -5.21
C LEU B 61 14.09 19.26 -5.71
N LYS B 62 15.33 19.75 -5.58
CA LYS B 62 15.73 21.08 -6.00
C LYS B 62 16.11 21.15 -7.48
N MET B 63 15.97 20.05 -8.22
CA MET B 63 16.31 19.97 -9.65
C MET B 63 17.75 20.32 -9.97
N GLU B 64 18.65 20.01 -9.07
CA GLU B 64 20.07 20.25 -9.26
C GLU B 64 20.69 19.01 -9.92
N ASN B 65 19.92 17.91 -9.88
CA ASN B 65 20.23 16.73 -10.63
C ASN B 65 18.91 16.18 -11.19
N SER B 66 18.96 15.12 -11.98
CA SER B 66 17.75 14.38 -12.33
C SER B 66 18.01 12.93 -12.06
N MET B 67 16.95 12.19 -11.77
CA MET B 67 17.10 10.75 -11.52
C MET B 67 15.91 10.04 -12.11
N SER B 68 16.04 8.74 -12.31
CA SER B 68 14.93 7.96 -12.81
C SER B 68 13.93 7.73 -11.67
N ASN B 69 12.67 7.56 -12.05
CA ASN B 69 11.58 7.30 -11.14
C ASN B 69 11.89 6.25 -10.10
N GLU B 70 12.36 5.10 -10.55
CA GLU B 70 12.63 4.03 -9.60
C GLU B 70 13.85 4.32 -8.69
N THR B 71 14.80 5.09 -9.20
CA THR B 71 15.97 5.40 -8.42
C THR B 71 15.56 6.31 -7.26
N ILE B 72 14.82 7.36 -7.58
CA ILE B 72 14.49 8.30 -6.53
C ILE B 72 13.51 7.71 -5.54
N HIS B 73 12.68 6.78 -6.01
CA HIS B 73 11.67 6.22 -5.15
C HIS B 73 12.35 5.38 -4.08
N LEU B 74 13.38 4.65 -4.46
CA LEU B 74 14.04 3.74 -3.55
C LEU B 74 14.90 4.51 -2.57
N LEU B 75 15.51 5.62 -3.01
CA LEU B 75 16.19 6.50 -2.07
C LEU B 75 15.27 6.98 -0.93
N PHE B 76 14.07 7.45 -1.28
CA PHE B 76 13.10 7.95 -0.29
C PHE B 76 12.79 6.92 0.79
N SER B 77 12.80 5.65 0.36
CA SER B 77 12.50 4.54 1.21
C SER B 77 13.72 4.16 2.05
N ALA B 78 14.91 4.28 1.48
CA ALA B 78 16.11 3.88 2.17
C ALA B 78 16.34 4.89 3.29
N ASN B 79 16.07 6.15 2.98
CA ASN B 79 16.08 7.27 3.94
C ASN B 79 15.22 7.06 5.23
N ARG B 80 14.12 6.34 5.08
CA ARG B 80 13.32 5.97 6.21
C ARG B 80 13.96 4.80 6.95
N TRP B 81 14.54 3.84 6.24
CA TRP B 81 15.17 2.69 6.94
C TRP B 81 16.46 3.12 7.71
N GLU B 82 17.27 3.99 7.13
CA GLU B 82 18.43 4.51 7.85
C GLU B 82 18.02 5.20 9.18
N HIS B 83 16.73 5.30 9.42
CA HIS B 83 16.21 5.91 10.64
C HIS B 83 15.47 4.98 11.58
N MET B 84 15.37 3.70 11.20
CA MET B 84 14.52 2.79 11.94
C MET B 84 15.02 2.50 13.34
N ASN B 85 16.35 2.51 13.53
CA ASN B 85 16.94 2.21 14.85
C ASN B 85 16.69 3.37 15.76
N GLU B 86 17.08 4.55 15.26
CA GLU B 86 16.86 5.80 15.96
C GLU B 86 15.44 5.79 16.49
N ILE B 87 14.49 5.77 15.57
CA ILE B 87 13.08 5.72 15.92
C ILE B 87 12.74 4.54 16.84
N LYS B 88 13.10 3.32 16.47
CA LYS B 88 12.82 2.18 17.36
C LYS B 88 13.34 2.44 18.77
N SER B 89 14.61 2.85 18.89
CA SER B 89 15.21 3.20 20.17
C SER B 89 14.40 4.21 20.95
N LEU B 90 13.92 5.26 20.29
CA LEU B 90 13.26 6.32 21.00
C LEU B 90 12.02 5.72 21.58
N LEU B 91 11.29 4.96 20.76
CA LEU B 91 9.98 4.51 21.18
C LEU B 91 10.09 3.40 22.24
N LEU B 92 11.17 2.63 22.18
CA LEU B 92 11.45 1.70 23.26
C LEU B 92 11.57 2.43 24.61
N LYS B 93 12.27 3.56 24.61
CA LYS B 93 12.58 4.32 25.82
C LYS B 93 11.38 5.07 26.41
N GLY B 94 10.29 5.18 25.64
CA GLY B 94 9.06 5.81 26.09
C GLY B 94 8.89 7.19 25.51
N ILE B 95 9.88 7.61 24.73
CA ILE B 95 9.90 8.88 24.03
C ILE B 95 9.01 8.80 22.78
N TRP B 96 8.06 9.74 22.68
CA TRP B 96 7.21 9.81 21.51
C TRP B 96 7.98 10.34 20.33
N VAL B 97 7.52 9.98 19.12
CA VAL B 97 8.07 10.48 17.86
C VAL B 97 6.95 11.09 17.06
N VAL B 98 7.12 12.34 16.71
CA VAL B 98 6.17 13.05 15.87
C VAL B 98 6.90 13.26 14.56
N CYS B 99 6.36 12.66 13.51
CA CYS B 99 7.11 12.59 12.29
C CYS B 99 6.35 13.17 11.13
N ASP B 100 7.02 14.15 10.52
CA ASP B 100 6.50 14.86 9.38
C ASP B 100 6.87 14.10 8.09
N ARG B 101 5.85 13.50 7.46
CA ARG B 101 5.94 12.64 6.27
C ARG B 101 6.49 11.26 6.58
N TYR B 102 6.10 10.29 5.75
CA TYR B 102 6.44 8.90 5.91
C TYR B 102 6.18 8.08 4.62
N ALA B 103 6.07 6.77 4.75
CA ALA B 103 5.86 5.88 3.60
C ALA B 103 4.64 6.21 2.73
N TYR B 104 3.69 6.97 3.25
CA TYR B 104 2.45 7.37 2.54
C TYR B 104 2.90 8.34 1.47
N SER B 105 3.55 9.41 1.90
CA SER B 105 4.25 10.34 1.00
C SER B 105 4.95 9.57 -0.13
N GLY B 106 5.70 8.54 0.23
CA GLY B 106 6.44 7.72 -0.71
C GLY B 106 5.53 7.15 -1.77
N VAL B 107 4.44 6.55 -1.35
CA VAL B 107 3.54 5.95 -2.29
C VAL B 107 2.69 6.98 -3.05
N ALA B 108 2.19 7.98 -2.33
CA ALA B 108 1.28 8.97 -2.92
C ALA B 108 2.02 9.68 -4.06
N TYR B 109 3.20 10.21 -3.72
CA TYR B 109 4.03 10.94 -4.65
C TYR B 109 4.47 10.14 -5.86
N SER B 110 4.97 8.94 -5.63
CA SER B 110 5.59 8.24 -6.71
C SER B 110 4.56 7.71 -7.68
N SER B 111 3.43 7.23 -7.17
CA SER B 111 2.37 6.70 -8.05
C SER B 111 1.64 7.83 -8.75
N GLY B 112 1.49 8.93 -8.03
CA GLY B 112 0.73 10.05 -8.50
C GLY B 112 1.53 10.86 -9.49
N ALA B 113 2.73 11.24 -9.10
CA ALA B 113 3.48 12.18 -9.87
C ALA B 113 4.36 11.50 -10.92
N LEU B 114 4.83 10.28 -10.65
CA LEU B 114 5.81 9.59 -11.49
C LEU B 114 5.20 8.35 -12.12
N ASN B 115 3.92 8.14 -11.82
CA ASN B 115 3.14 7.07 -12.42
C ASN B 115 3.61 5.67 -12.12
N LEU B 116 4.34 5.50 -11.02
CA LEU B 116 4.74 4.16 -10.63
C LEU B 116 3.56 3.35 -10.09
N ASN B 117 3.72 2.04 -10.18
CA ASN B 117 2.73 1.10 -9.69
C ASN B 117 2.73 1.11 -8.15
N LYS B 118 1.53 1.27 -7.59
CA LYS B 118 1.35 1.36 -6.13
C LYS B 118 1.99 0.25 -5.33
N THR B 119 1.80 -1.00 -5.74
CA THR B 119 2.41 -2.11 -5.03
C THR B 119 3.92 -2.01 -5.11
N TRP B 120 4.43 -1.93 -6.32
CA TRP B 120 5.86 -1.75 -6.50
C TRP B 120 6.35 -0.68 -5.53
N CYS B 121 5.62 0.45 -5.46
CA CYS B 121 6.00 1.58 -4.59
C CYS B 121 5.97 1.26 -3.12
N MET B 122 5.03 0.40 -2.72
CA MET B 122 4.86 -0.04 -1.31
C MET B 122 5.90 -1.04 -0.84
N ASN B 123 6.23 -2.01 -1.70
CA ASN B 123 7.13 -3.09 -1.29
C ASN B 123 8.38 -2.64 -0.47
N PRO B 124 9.19 -1.67 -0.99
CA PRO B 124 10.39 -1.33 -0.22
C PRO B 124 10.09 -0.88 1.24
N ASP B 125 8.96 -0.20 1.46
CA ASP B 125 8.66 0.36 2.76
C ASP B 125 8.00 -0.66 3.72
N GLN B 126 7.79 -1.89 3.24
CA GLN B 126 7.18 -2.94 4.06
C GLN B 126 8.08 -3.33 5.24
N GLY B 127 7.56 -3.26 6.46
CA GLY B 127 8.36 -3.67 7.61
C GLY B 127 9.00 -2.52 8.37
N LEU B 128 8.87 -1.32 7.81
CA LEU B 128 9.01 -0.08 8.55
C LEU B 128 8.02 -0.13 9.70
N ILE B 129 8.24 0.68 10.73
CA ILE B 129 7.35 0.68 11.88
C ILE B 129 6.09 1.40 11.50
N LYS B 130 4.96 0.79 11.83
CA LYS B 130 3.64 1.42 11.70
C LYS B 130 3.41 2.47 12.77
N PRO B 131 3.02 3.68 12.36
CA PRO B 131 2.63 4.72 13.30
C PRO B 131 1.30 4.41 14.01
N ASP B 132 1.02 5.13 15.08
CA ASP B 132 -0.21 4.96 15.79
C ASP B 132 -1.31 5.81 15.19
N VAL B 133 -0.92 6.89 14.55
CA VAL B 133 -1.92 7.72 13.90
C VAL B 133 -1.24 8.41 12.76
N VAL B 134 -2.00 8.70 11.71
CA VAL B 134 -1.61 9.64 10.68
C VAL B 134 -2.68 10.73 10.62
N PHE B 135 -2.26 11.98 10.80
CA PHE B 135 -3.11 13.10 10.53
C PHE B 135 -2.79 13.53 9.13
N TYR B 136 -3.73 13.26 8.23
CA TYR B 136 -3.69 13.78 6.89
C TYR B 136 -4.26 15.17 6.97
N LEU B 137 -3.38 16.15 7.01
CA LEU B 137 -3.76 17.52 6.73
C LEU B 137 -4.25 17.55 5.31
N ASN B 138 -5.54 17.87 5.14
CA ASN B 138 -6.19 17.88 3.83
C ASN B 138 -6.39 19.33 3.35
N VAL B 139 -5.68 19.68 2.27
CA VAL B 139 -5.95 20.92 1.54
C VAL B 139 -6.15 20.57 0.07
N PRO B 140 -7.06 21.28 -0.58
CA PRO B 140 -7.19 21.00 -2.03
C PRO B 140 -5.96 21.54 -2.78
N PRO B 141 -5.58 20.90 -3.90
CA PRO B 141 -4.34 21.30 -4.61
C PRO B 141 -4.23 22.80 -4.96
N ASN B 142 -5.34 23.42 -5.31
CA ASN B 142 -5.32 24.82 -5.66
C ASN B 142 -5.32 25.75 -4.45
N TYR B 143 -5.53 25.16 -3.28
CA TYR B 143 -5.43 25.84 -1.99
C TYR B 143 -3.96 26.09 -1.66
N ALA B 144 -3.17 25.06 -1.97
CA ALA B 144 -1.75 24.97 -1.71
C ALA B 144 -0.95 26.08 -2.41
N GLN B 145 -1.21 26.27 -3.70
CA GLN B 145 -0.41 27.13 -4.58
C GLN B 145 -0.16 28.55 -4.05
N ASN B 146 -1.13 29.01 -3.27
CA ASN B 146 -1.08 30.32 -2.62
C ASN B 146 0.00 30.34 -1.55
N ARG B 147 0.56 29.16 -1.26
CA ARG B 147 1.58 29.01 -0.24
C ARG B 147 2.81 29.85 -0.59
N SER B 148 3.56 30.24 0.44
CA SER B 148 4.69 31.17 0.28
C SER B 148 5.84 30.76 -0.64
N ASP B 149 6.30 29.52 -0.63
CA ASP B 149 7.38 29.20 -1.55
C ASP B 149 7.01 28.25 -2.65
N TYR B 150 5.77 28.38 -3.14
CA TYR B 150 5.24 27.39 -4.04
C TYR B 150 5.82 27.43 -5.45
N GLY B 151 6.38 26.31 -5.87
CA GLY B 151 7.00 26.18 -7.20
C GLY B 151 8.52 26.04 -7.16
N GLU B 152 9.11 26.17 -5.97
CA GLU B 152 10.56 26.14 -5.85
C GLU B 152 11.10 24.71 -5.96
N GLU B 153 10.25 23.71 -5.71
CA GLU B 153 10.69 22.31 -5.74
C GLU B 153 9.87 21.41 -6.66
N ILE B 154 10.43 20.24 -6.95
CA ILE B 154 10.07 19.52 -8.17
C ILE B 154 8.59 19.26 -8.42
N TYR B 155 7.84 18.99 -7.35
CA TYR B 155 6.48 18.47 -7.45
C TYR B 155 5.41 19.53 -7.28
N GLU B 156 5.83 20.69 -6.78
CA GLU B 156 4.96 21.84 -6.48
C GLU B 156 4.50 22.54 -7.75
N LYS B 157 3.69 21.83 -8.55
CA LYS B 157 2.94 22.39 -9.69
C LYS B 157 1.50 21.91 -9.54
N VAL B 158 0.53 22.82 -9.66
CA VAL B 158 -0.89 22.49 -9.47
C VAL B 158 -1.32 21.17 -10.09
N GLU B 159 -1.10 20.99 -11.38
CA GLU B 159 -1.53 19.74 -12.02
C GLU B 159 -0.95 18.45 -11.32
N THR B 160 0.22 18.57 -10.69
CA THR B 160 0.94 17.40 -10.12
C THR B 160 0.34 17.06 -8.77
N GLN B 161 0.30 18.05 -7.88
CA GLN B 161 -0.46 17.99 -6.63
C GLN B 161 -1.86 17.43 -6.84
N LYS B 162 -2.48 17.84 -7.94
CA LYS B 162 -3.81 17.35 -8.34
C LYS B 162 -3.86 15.85 -8.41
N LYS B 163 -2.81 15.24 -8.95
CA LYS B 163 -2.76 13.78 -9.04
C LYS B 163 -2.36 13.17 -7.69
N ILE B 164 -1.48 13.86 -6.97
CA ILE B 164 -1.02 13.32 -5.72
C ILE B 164 -2.19 13.31 -4.75
N TYR B 165 -3.02 14.34 -4.78
CA TYR B 165 -4.21 14.42 -3.94
C TYR B 165 -5.09 13.18 -4.13
N GLU B 166 -5.20 12.70 -5.36
CA GLU B 166 -6.06 11.56 -5.66
C GLU B 166 -5.47 10.23 -5.22
N THR B 167 -4.17 10.08 -5.38
CA THR B 167 -3.52 8.86 -4.95
C THR B 167 -3.48 8.68 -3.43
N TYR B 168 -3.48 9.78 -2.68
CA TYR B 168 -3.49 9.73 -1.22
C TYR B 168 -4.74 9.01 -0.64
N LYS B 169 -5.81 8.89 -1.43
CA LYS B 169 -7.04 8.27 -0.94
C LYS B 169 -6.83 6.77 -0.83
N HIS B 170 -5.74 6.30 -1.42
CA HIS B 170 -5.33 4.91 -1.36
C HIS B 170 -5.10 4.51 0.12
N PHE B 171 -5.14 5.48 1.02
CA PHE B 171 -4.85 5.21 2.40
C PHE B 171 -5.98 5.55 3.36
N ALA B 172 -7.03 6.18 2.82
CA ALA B 172 -8.17 6.59 3.62
C ALA B 172 -8.82 5.49 4.46
N HIS B 173 -8.84 4.26 3.96
CA HIS B 173 -9.44 3.14 4.70
C HIS B 173 -8.64 2.60 5.91
N GLU B 174 -7.50 3.19 6.25
CA GLU B 174 -6.73 2.66 7.38
C GLU B 174 -7.35 3.12 8.70
N ASP B 175 -7.33 2.28 9.73
CA ASP B 175 -8.05 2.67 10.96
C ASP B 175 -7.34 3.81 11.67
N TYR B 176 -6.05 3.98 11.37
CA TYR B 176 -5.27 5.10 11.91
C TYR B 176 -5.22 6.34 11.03
N TRP B 177 -5.87 6.30 9.87
CA TRP B 177 -5.88 7.44 8.97
C TRP B 177 -6.92 8.40 9.44
N ILE B 178 -6.50 9.57 9.90
CA ILE B 178 -7.42 10.57 10.38
C ILE B 178 -7.37 11.82 9.48
N ASN B 179 -8.43 11.97 8.69
CA ASN B 179 -8.54 13.13 7.83
C ASN B 179 -8.76 14.42 8.62
N ILE B 180 -7.91 15.41 8.42
CA ILE B 180 -8.13 16.71 9.04
C ILE B 180 -8.32 17.76 7.96
N ASP B 181 -9.43 18.49 7.98
CA ASP B 181 -9.63 19.61 7.05
C ASP B 181 -8.69 20.70 7.47
N ALA B 182 -7.65 20.93 6.66
CA ALA B 182 -6.52 21.76 7.08
C ALA B 182 -6.52 23.18 6.51
N THR B 183 -7.61 23.55 5.86
CA THR B 183 -7.81 24.89 5.30
C THR B 183 -8.38 25.87 6.35
N ARG B 184 -7.71 26.02 7.46
CA ARG B 184 -8.34 26.75 8.55
C ARG B 184 -7.44 27.76 9.30
N LYS B 185 -7.90 28.17 10.48
CA LYS B 185 -7.00 28.89 11.36
C LYS B 185 -6.12 27.81 11.98
N ILE B 186 -4.81 28.02 11.84
CA ILE B 186 -3.79 27.18 12.43
C ILE B 186 -4.30 26.63 13.77
N GLU B 187 -4.77 27.53 14.64
CA GLU B 187 -5.24 27.18 15.99
C GLU B 187 -6.37 26.12 16.03
N ASP B 188 -7.36 26.26 15.16
CA ASP B 188 -8.44 25.27 15.07
C ASP B 188 -7.94 23.87 14.75
N ILE B 189 -7.11 23.78 13.70
CA ILE B 189 -6.53 22.50 13.31
C ILE B 189 -5.82 21.94 14.52
N HIS B 190 -5.02 22.78 15.15
CA HIS B 190 -4.24 22.36 16.30
C HIS B 190 -5.03 21.65 17.40
N ASN B 191 -6.16 22.24 17.79
CA ASN B 191 -7.03 21.67 18.85
C ASN B 191 -7.63 20.31 18.48
N ASP B 192 -8.06 20.18 17.21
CA ASP B 192 -8.52 18.91 16.68
C ASP B 192 -7.47 17.83 16.92
N ILE B 193 -6.22 18.18 16.67
CA ILE B 193 -5.14 17.24 16.76
C ILE B 193 -5.05 16.84 18.20
N VAL B 194 -5.10 17.86 19.06
CA VAL B 194 -5.01 17.68 20.51
C VAL B 194 -6.16 16.82 21.03
N LYS B 195 -7.39 17.18 20.62
CA LYS B 195 -8.56 16.39 20.99
C LYS B 195 -8.22 14.95 20.65
N GLU B 196 -7.70 14.72 19.45
CA GLU B 196 -7.39 13.36 19.01
C GLU B 196 -6.20 12.65 19.68
N VAL B 197 -5.20 13.41 20.10
CA VAL B 197 -4.05 12.78 20.72
C VAL B 197 -4.29 12.29 22.16
N THR B 198 -5.12 13.01 22.92
CA THR B 198 -5.47 12.59 24.30
C THR B 198 -6.49 11.46 24.33
N LYS B 199 -7.23 11.31 23.24
CA LYS B 199 -8.09 10.14 23.06
C LYS B 199 -7.23 8.87 23.19
N ILE B 200 -6.01 8.89 22.67
CA ILE B 200 -5.15 7.73 22.79
C ILE B 200 -4.75 7.44 24.24
N LYS B 201 -4.79 6.16 24.61
CA LYS B 201 -4.39 5.65 25.93
C LYS B 201 -2.89 5.31 25.91
N VAL B 202 -2.18 5.67 26.98
CA VAL B 202 -0.71 5.80 26.95
C VAL B 202 0.13 4.52 27.07
N GLU B 203 -0.53 3.37 27.20
CA GLU B 203 0.08 2.06 27.61
C GLU B 203 1.07 1.33 26.65
N PRO B 204 2.14 0.72 27.22
CA PRO B 204 3.11 -0.16 26.52
C PRO B 204 2.47 -1.25 25.68
N GLU B 205 3.11 -1.64 24.59
CA GLU B 205 2.50 -2.52 23.56
C GLU B 205 3.53 -3.05 22.55
N GLU B 206 3.17 -4.09 21.81
CA GLU B 206 4.06 -4.65 20.79
C GLU B 206 4.14 -3.78 19.53
N PHE B 207 5.35 -3.67 18.95
CA PHE B 207 5.55 -2.88 17.73
C PHE B 207 4.75 -3.43 16.60
N ASN B 208 4.25 -2.55 15.75
CA ASN B 208 3.63 -2.99 14.49
C ASN B 208 4.36 -2.51 13.23
N PHE B 209 4.20 -3.22 12.12
CA PHE B 209 4.92 -2.87 10.88
C PHE B 209 4.03 -2.83 9.64
N LEU B 210 4.42 -1.97 8.69
CA LEU B 210 3.67 -1.82 7.43
C LEU B 210 3.79 -3.12 6.66
N TRP B 211 2.74 -3.57 5.98
CA TRP B 211 1.55 -2.77 5.78
C TRP B 211 0.27 -3.22 6.52
N SER B 212 0.12 -4.53 6.71
CA SER B 212 -0.85 -5.12 7.68
C SER B 212 -1.40 -4.13 8.73
N MET C 3 10.63 2.84 -37.24
CA MET C 3 11.24 4.19 -36.96
C MET C 3 10.94 4.56 -35.52
N THR C 4 9.70 4.30 -35.12
CA THR C 4 9.27 4.31 -33.74
C THR C 4 9.45 2.82 -33.34
N ASP C 5 10.71 2.44 -33.10
CA ASP C 5 11.14 1.08 -32.83
C ASP C 5 11.73 0.97 -31.41
N ASP C 6 11.22 -0.02 -30.67
CA ASP C 6 11.57 -0.19 -29.26
C ASP C 6 12.02 -1.63 -28.98
N LYS C 7 12.58 -2.29 -29.98
CA LYS C 7 13.00 -3.68 -29.81
C LYS C 7 14.43 -3.77 -29.28
N LYS C 8 14.73 -4.88 -28.64
CA LYS C 8 16.04 -5.14 -28.07
C LYS C 8 16.87 -5.85 -29.12
N LYS C 9 17.95 -5.21 -29.56
CA LYS C 9 18.79 -5.78 -30.64
C LYS C 9 20.16 -6.23 -30.18
N GLY C 10 20.56 -5.88 -28.96
CA GLY C 10 21.80 -6.36 -28.39
C GLY C 10 21.53 -7.53 -27.46
N LYS C 11 22.54 -8.34 -27.17
CA LYS C 11 22.41 -9.36 -26.13
C LYS C 11 23.01 -8.86 -24.81
N PHE C 12 22.52 -9.42 -23.71
CA PHE C 12 22.80 -8.90 -22.40
C PHE C 12 23.17 -10.10 -21.57
N ILE C 13 24.42 -10.09 -21.09
CA ILE C 13 24.99 -11.22 -20.38
C ILE C 13 25.50 -10.83 -18.98
N VAL C 14 24.93 -11.42 -17.94
CA VAL C 14 25.38 -11.22 -16.56
C VAL C 14 26.28 -12.37 -16.06
N PHE C 15 27.34 -12.05 -15.33
CA PHE C 15 28.05 -13.05 -14.49
C PHE C 15 27.62 -12.97 -13.03
N GLU C 16 27.25 -14.12 -12.44
CA GLU C 16 27.05 -14.21 -11.00
C GLU C 16 28.09 -15.14 -10.37
N GLY C 17 28.31 -14.97 -9.08
CA GLY C 17 29.30 -15.73 -8.34
C GLY C 17 29.51 -15.19 -6.94
N LEU C 18 30.15 -16.02 -6.11
CA LEU C 18 30.59 -15.66 -4.77
C LEU C 18 31.80 -14.72 -4.91
N ASP C 19 32.25 -14.18 -3.78
CA ASP C 19 33.33 -13.20 -3.80
C ASP C 19 34.63 -13.77 -4.30
N ARG C 20 35.28 -13.00 -5.16
CA ARG C 20 36.60 -13.36 -5.74
C ARG C 20 36.60 -14.67 -6.58
N SER C 21 35.41 -15.10 -7.01
CA SER C 21 35.24 -16.24 -7.93
C SER C 21 35.95 -16.16 -9.32
N GLY C 22 36.13 -14.95 -9.86
CA GLY C 22 36.78 -14.78 -11.16
C GLY C 22 35.89 -14.11 -12.18
N LYS C 23 34.81 -13.47 -11.70
CA LYS C 23 33.89 -12.71 -12.54
C LYS C 23 34.53 -11.57 -13.39
N SER C 24 35.31 -10.68 -12.79
CA SER C 24 35.94 -9.60 -13.56
C SER C 24 36.79 -10.24 -14.67
N THR C 25 37.62 -11.20 -14.27
CA THR C 25 38.51 -11.96 -15.18
C THR C 25 37.75 -12.59 -16.35
N GLN C 26 36.68 -13.31 -16.03
CA GLN C 26 35.96 -14.05 -17.05
C GLN C 26 35.24 -13.18 -18.06
N SER C 27 35.07 -11.90 -17.73
CA SER C 27 34.23 -10.99 -18.48
C SER C 27 35.11 -10.07 -19.29
N LYS C 28 36.33 -9.86 -18.81
CA LYS C 28 37.32 -9.12 -19.57
C LYS C 28 37.57 -9.98 -20.81
N LEU C 29 37.57 -11.30 -20.60
CA LEU C 29 37.84 -12.28 -21.64
C LEU C 29 36.67 -12.36 -22.63
N LEU C 30 35.46 -12.55 -22.13
CA LEU C 30 34.28 -12.58 -22.99
C LEU C 30 34.12 -11.29 -23.81
N VAL C 31 34.49 -10.15 -23.24
CA VAL C 31 34.42 -8.89 -23.97
C VAL C 31 35.48 -8.86 -25.08
N GLU C 32 36.70 -9.19 -24.70
CA GLU C 32 37.79 -9.32 -25.64
C GLU C 32 37.31 -10.20 -26.83
N TYR C 33 36.87 -11.41 -26.53
CA TYR C 33 36.41 -12.35 -27.54
C TYR C 33 35.31 -11.75 -28.46
N LEU C 34 34.33 -11.08 -27.86
CA LEU C 34 33.20 -10.50 -28.58
C LEU C 34 33.64 -9.44 -29.59
N LYS C 35 34.62 -8.64 -29.19
CA LYS C 35 35.15 -7.59 -30.04
C LYS C 35 35.85 -8.16 -31.25
N ASN C 36 36.53 -9.30 -31.06
CA ASN C 36 37.22 -9.95 -32.17
C ASN C 36 36.25 -10.38 -33.26
N ASN C 37 35.35 -11.28 -32.91
CA ASN C 37 34.29 -11.75 -33.78
C ASN C 37 33.19 -10.70 -34.08
N ASN C 38 33.55 -9.42 -34.01
CA ASN C 38 32.78 -8.32 -34.57
C ASN C 38 31.47 -7.86 -33.88
N VAL C 39 31.31 -8.18 -32.59
CA VAL C 39 30.18 -7.64 -31.83
C VAL C 39 30.60 -6.34 -31.09
N GLU C 40 29.79 -5.29 -31.16
CA GLU C 40 29.98 -4.10 -30.29
C GLU C 40 29.49 -4.44 -28.87
N VAL C 41 30.32 -4.18 -27.86
CA VAL C 41 29.96 -4.58 -26.51
C VAL C 41 30.46 -3.62 -25.42
N LYS C 42 29.61 -3.38 -24.42
CA LYS C 42 30.00 -2.55 -23.28
C LYS C 42 30.15 -3.41 -22.04
N HIS C 43 31.22 -3.16 -21.28
CA HIS C 43 31.48 -3.85 -20.00
C HIS C 43 30.90 -3.04 -18.84
N LEU C 44 29.91 -3.59 -18.14
CA LEU C 44 29.43 -2.96 -16.92
C LEU C 44 29.56 -3.88 -15.69
N TYR C 45 29.39 -3.31 -14.51
CA TYR C 45 29.59 -4.02 -13.26
C TYR C 45 28.69 -3.39 -12.20
N PHE C 46 28.30 -4.21 -11.23
CA PHE C 46 27.56 -3.78 -10.08
C PHE C 46 28.16 -4.37 -8.80
N PRO C 47 28.20 -3.58 -7.72
CA PRO C 47 27.76 -2.18 -7.74
C PRO C 47 28.75 -1.28 -8.50
N ASN C 48 28.19 -0.25 -9.15
CA ASN C 48 28.99 0.80 -9.73
C ASN C 48 29.34 1.86 -8.68
N ARG C 49 30.47 1.66 -8.01
CA ARG C 49 30.93 2.47 -6.89
C ARG C 49 31.13 3.99 -7.17
N GLU C 50 31.14 4.34 -8.46
CA GLU C 50 31.55 5.65 -8.87
C GLU C 50 30.50 6.72 -8.71
N THR C 51 29.25 6.34 -8.44
CA THR C 51 28.12 7.29 -8.36
C THR C 51 27.84 7.70 -6.95
N GLY C 52 27.04 8.75 -6.83
CA GLY C 52 26.53 9.25 -5.56
C GLY C 52 26.03 8.15 -4.67
N ILE C 53 25.34 7.19 -5.26
CA ILE C 53 24.89 6.02 -4.54
C ILE C 53 25.99 4.95 -4.38
N GLY C 54 26.68 4.65 -5.48
CA GLY C 54 27.76 3.68 -5.42
C GLY C 54 28.79 3.99 -4.36
N GLN C 55 29.13 5.28 -4.24
CA GLN C 55 30.04 5.76 -3.21
C GLN C 55 29.60 5.29 -1.84
N ILE C 56 28.29 5.34 -1.59
CA ILE C 56 27.80 4.95 -0.30
C ILE C 56 27.94 3.44 -0.11
N ILE C 57 27.53 2.67 -1.12
CA ILE C 57 27.73 1.20 -1.18
C ILE C 57 29.22 0.78 -0.94
N SER C 58 30.13 1.45 -1.64
CA SER C 58 31.55 1.22 -1.51
C SER C 58 31.96 1.32 -0.06
N LYS C 59 31.69 2.51 0.51
CA LYS C 59 31.96 2.80 1.92
C LYS C 59 31.39 1.71 2.80
N TYR C 60 30.14 1.36 2.56
CA TYR C 60 29.56 0.24 3.30
C TYR C 60 30.43 -1.05 3.25
N LEU C 61 30.95 -1.39 2.05
CA LEU C 61 31.56 -2.70 1.79
C LEU C 61 32.95 -2.78 2.38
N LYS C 62 33.56 -1.59 2.47
CA LYS C 62 34.89 -1.43 3.07
C LYS C 62 34.89 -1.30 4.61
N MET C 63 33.70 -1.16 5.20
CA MET C 63 33.53 -0.97 6.63
C MET C 63 34.01 0.42 6.97
N GLU C 64 33.76 1.36 6.08
CA GLU C 64 34.01 2.78 6.35
C GLU C 64 32.72 3.46 6.84
N ASN C 65 31.60 2.81 6.60
CA ASN C 65 30.38 3.14 7.33
C ASN C 65 29.72 1.83 7.77
N SER C 66 28.62 1.92 8.51
CA SER C 66 27.67 0.82 8.59
C SER C 66 26.36 1.42 8.17
N MET C 67 25.42 0.54 7.86
CA MET C 67 24.08 0.92 7.50
C MET C 67 23.24 -0.24 7.87
N SER C 68 21.94 0.01 8.06
CA SER C 68 21.02 -1.07 8.35
C SER C 68 21.02 -1.99 7.13
N ASN C 69 20.54 -3.21 7.29
CA ASN C 69 20.46 -4.14 6.16
C ASN C 69 19.57 -3.55 5.09
N GLU C 70 18.36 -3.13 5.47
CA GLU C 70 17.42 -2.63 4.48
C GLU C 70 17.94 -1.38 3.78
N THR C 71 18.53 -0.43 4.53
CA THR C 71 19.13 0.74 3.87
C THR C 71 20.01 0.28 2.68
N ILE C 72 20.86 -0.72 2.90
CA ILE C 72 21.93 -1.00 1.93
C ILE C 72 21.36 -1.72 0.72
N HIS C 73 20.46 -2.65 1.01
CA HIS C 73 19.85 -3.44 -0.02
C HIS C 73 19.11 -2.58 -1.05
N LEU C 74 18.32 -1.62 -0.59
CA LEU C 74 17.67 -0.72 -1.52
C LEU C 74 18.71 0.14 -2.27
N LEU C 75 19.83 0.49 -1.65
CA LEU C 75 20.87 1.20 -2.40
C LEU C 75 21.44 0.37 -3.55
N PHE C 76 21.61 -0.93 -3.33
CA PHE C 76 22.14 -1.80 -4.39
C PHE C 76 21.15 -1.80 -5.54
N SER C 77 19.86 -1.93 -5.21
CA SER C 77 18.83 -1.82 -6.20
C SER C 77 18.80 -0.46 -6.90
N ALA C 78 18.88 0.61 -6.12
CA ALA C 78 18.74 1.93 -6.69
C ALA C 78 19.77 2.03 -7.77
N ASN C 79 20.97 1.56 -7.42
CA ASN C 79 22.18 1.69 -8.24
C ASN C 79 22.00 1.05 -9.61
N ARG C 80 21.21 -0.01 -9.70
CA ARG C 80 20.91 -0.62 -10.99
C ARG C 80 19.87 0.17 -11.78
N TRP C 81 18.86 0.70 -11.09
CA TRP C 81 17.85 1.52 -11.71
C TRP C 81 18.42 2.79 -12.28
N GLU C 82 19.42 3.36 -11.63
CA GLU C 82 20.02 4.56 -12.18
C GLU C 82 20.81 4.28 -13.47
N HIS C 83 20.98 2.99 -13.78
CA HIS C 83 21.70 2.56 -14.98
C HIS C 83 20.82 2.09 -16.11
N MET C 84 19.55 1.72 -15.82
CA MET C 84 18.61 1.20 -16.83
C MET C 84 18.45 2.04 -18.10
N ASN C 85 18.48 3.36 -17.97
CA ASN C 85 18.36 4.24 -19.13
C ASN C 85 19.52 4.01 -20.08
N GLU C 86 20.72 3.86 -19.51
CA GLU C 86 21.93 3.59 -20.25
C GLU C 86 21.90 2.23 -20.97
N ILE C 87 21.69 1.16 -20.21
CA ILE C 87 21.60 -0.20 -20.74
C ILE C 87 20.42 -0.42 -21.71
N LYS C 88 19.35 0.35 -21.58
CA LYS C 88 18.26 0.24 -22.51
C LYS C 88 18.65 0.87 -23.86
N SER C 89 19.23 2.08 -23.82
CA SER C 89 19.86 2.71 -24.99
C SER C 89 20.88 1.84 -25.70
N LEU C 90 21.74 1.18 -24.94
CA LEU C 90 22.76 0.32 -25.54
C LEU C 90 22.12 -0.86 -26.25
N LEU C 91 21.29 -1.59 -25.51
CA LEU C 91 20.60 -2.74 -26.07
C LEU C 91 19.66 -2.35 -27.18
N LEU C 92 19.03 -1.18 -27.09
CA LEU C 92 18.21 -0.70 -28.21
C LEU C 92 19.02 -0.62 -29.51
N LYS C 93 20.23 -0.07 -29.43
CA LYS C 93 21.06 0.20 -30.58
C LYS C 93 21.72 -1.04 -31.12
N GLY C 94 21.70 -2.14 -30.37
CA GLY C 94 22.46 -3.32 -30.79
C GLY C 94 23.83 -3.51 -30.14
N ILE C 95 24.21 -2.65 -29.18
CA ILE C 95 25.43 -2.89 -28.45
C ILE C 95 25.13 -3.98 -27.42
N TRP C 96 25.97 -5.00 -27.35
CA TRP C 96 25.87 -6.00 -26.30
C TRP C 96 26.32 -5.40 -24.96
N VAL C 97 25.76 -5.94 -23.86
CA VAL C 97 26.12 -5.58 -22.50
C VAL C 97 26.61 -6.81 -21.77
N VAL C 98 27.87 -6.79 -21.34
CA VAL C 98 28.40 -7.83 -20.47
C VAL C 98 28.51 -7.25 -19.06
N CYS C 99 27.86 -7.89 -18.10
CA CYS C 99 27.72 -7.35 -16.76
C CYS C 99 28.24 -8.24 -15.67
N ASP C 100 29.18 -7.68 -14.94
CA ASP C 100 29.76 -8.24 -13.75
C ASP C 100 28.73 -7.97 -12.62
N ARG C 101 28.06 -9.02 -12.15
CA ARG C 101 27.01 -8.92 -11.08
C ARG C 101 25.75 -8.16 -11.47
N TYR C 102 24.61 -8.58 -10.90
CA TYR C 102 23.32 -7.94 -11.17
C TYR C 102 22.33 -8.22 -10.01
N ALA C 103 21.03 -8.23 -10.30
CA ALA C 103 20.00 -8.46 -9.29
C ALA C 103 20.23 -9.68 -8.44
N TYR C 104 20.50 -10.82 -9.09
CA TYR C 104 20.77 -12.11 -8.42
C TYR C 104 21.71 -11.97 -7.23
N SER C 105 22.83 -11.27 -7.44
CA SER C 105 23.72 -10.86 -6.36
C SER C 105 22.97 -10.24 -5.18
N GLY C 106 22.16 -9.23 -5.48
CA GLY C 106 21.31 -8.61 -4.49
C GLY C 106 20.43 -9.56 -3.66
N VAL C 107 19.84 -10.58 -4.30
CA VAL C 107 18.98 -11.53 -3.57
C VAL C 107 19.83 -12.51 -2.78
N ALA C 108 20.74 -13.18 -3.47
CA ALA C 108 21.61 -14.16 -2.83
C ALA C 108 22.36 -13.57 -1.64
N TYR C 109 22.96 -12.40 -1.81
CA TYR C 109 23.65 -11.77 -0.68
C TYR C 109 22.70 -11.35 0.46
N SER C 110 21.69 -10.55 0.13
CA SER C 110 20.86 -9.97 1.16
C SER C 110 20.16 -10.98 2.05
N SER C 111 19.57 -12.02 1.47
CA SER C 111 18.82 -13.00 2.24
C SER C 111 19.75 -14.01 2.91
N GLY C 112 20.92 -14.17 2.31
CA GLY C 112 21.86 -15.16 2.78
C GLY C 112 22.72 -14.58 3.87
N ALA C 113 23.39 -13.46 3.57
CA ALA C 113 24.32 -12.84 4.50
C ALA C 113 23.62 -11.98 5.54
N LEU C 114 22.51 -11.36 5.15
CA LEU C 114 21.84 -10.40 6.03
C LEU C 114 20.54 -10.92 6.58
N ASN C 115 20.03 -12.02 6.03
CA ASN C 115 18.84 -12.67 6.57
C ASN C 115 17.57 -11.94 6.29
N LEU C 116 17.50 -11.37 5.10
CA LEU C 116 16.30 -10.71 4.65
C LEU C 116 15.39 -11.71 3.94
N ASN C 117 14.09 -11.45 4.01
CA ASN C 117 13.10 -12.27 3.34
C ASN C 117 13.33 -12.19 1.82
N LYS C 118 13.33 -13.36 1.17
CA LYS C 118 13.62 -13.46 -0.27
C LYS C 118 12.76 -12.55 -1.12
N THR C 119 11.45 -12.73 -1.03
CA THR C 119 10.52 -11.91 -1.79
C THR C 119 10.88 -10.47 -1.60
N TRP C 120 10.90 -10.01 -0.35
CA TRP C 120 11.20 -8.61 -0.04
C TRP C 120 12.47 -8.16 -0.76
N CYS C 121 13.45 -9.06 -0.89
CA CYS C 121 14.70 -8.70 -1.54
C CYS C 121 14.57 -8.46 -3.03
N MET C 122 13.74 -9.29 -3.66
CA MET C 122 13.49 -9.27 -5.10
C MET C 122 12.67 -8.05 -5.54
N ASN C 123 11.63 -7.74 -4.78
CA ASN C 123 10.68 -6.71 -5.12
C ASN C 123 11.25 -5.44 -5.73
N PRO C 124 12.30 -4.87 -5.11
CA PRO C 124 12.71 -3.59 -5.63
C PRO C 124 13.39 -3.76 -6.97
N ASP C 125 13.88 -4.96 -7.26
CA ASP C 125 14.52 -5.22 -8.52
C ASP C 125 13.50 -5.64 -9.58
N GLN C 126 12.30 -5.93 -9.13
CA GLN C 126 11.23 -6.27 -10.05
C GLN C 126 11.04 -5.13 -11.07
N GLY C 127 11.29 -5.45 -12.32
CA GLY C 127 11.00 -4.52 -13.39
C GLY C 127 12.23 -4.09 -14.15
N LEU C 128 13.39 -4.49 -13.66
CA LEU C 128 14.67 -4.27 -14.34
C LEU C 128 14.71 -5.08 -15.61
N ILE C 129 15.54 -4.69 -16.58
CA ILE C 129 15.73 -5.47 -17.79
C ILE C 129 16.32 -6.82 -17.44
N LYS C 130 15.74 -7.87 -18.02
CA LYS C 130 16.24 -9.24 -17.93
C LYS C 130 17.41 -9.54 -18.88
N PRO C 131 18.51 -10.13 -18.35
CA PRO C 131 19.57 -10.60 -19.25
C PRO C 131 19.13 -11.82 -20.08
N ASP C 132 20.01 -12.29 -20.97
CA ASP C 132 19.64 -13.37 -21.87
C ASP C 132 20.15 -14.64 -21.27
N VAL C 133 21.41 -14.58 -20.85
CA VAL C 133 22.02 -15.67 -20.15
C VAL C 133 22.77 -15.11 -18.94
N VAL C 134 22.67 -15.84 -17.82
CA VAL C 134 23.49 -15.60 -16.64
C VAL C 134 24.57 -16.68 -16.50
N PHE C 135 25.82 -16.27 -16.42
CA PHE C 135 26.87 -17.22 -16.12
C PHE C 135 27.25 -17.21 -14.66
N TYR C 136 26.82 -18.23 -13.93
CA TYR C 136 27.21 -18.45 -12.53
C TYR C 136 28.53 -19.21 -12.43
N LEU C 137 29.56 -18.55 -11.92
CA LEU C 137 30.89 -19.16 -11.79
C LEU C 137 30.95 -19.93 -10.48
N ASN C 138 30.31 -21.10 -10.44
CA ASN C 138 30.26 -21.95 -9.23
C ASN C 138 31.62 -22.40 -8.71
N VAL C 139 31.92 -22.03 -7.47
CA VAL C 139 33.03 -22.59 -6.70
C VAL C 139 32.50 -22.94 -5.33
N PRO C 140 33.14 -23.91 -4.65
CA PRO C 140 32.68 -24.15 -3.28
C PRO C 140 32.90 -22.90 -2.37
N PRO C 141 32.11 -22.77 -1.31
CA PRO C 141 32.12 -21.54 -0.50
C PRO C 141 33.48 -21.14 0.13
N ASN C 142 34.29 -22.15 0.49
CA ASN C 142 35.60 -21.96 1.13
C ASN C 142 36.75 -21.89 0.12
N TYR C 143 36.43 -22.17 -1.14
CA TYR C 143 37.42 -22.27 -2.24
C TYR C 143 38.29 -21.03 -2.44
N ALA C 144 37.63 -19.87 -2.45
CA ALA C 144 38.22 -18.65 -2.97
C ALA C 144 39.09 -17.89 -1.98
N GLN C 145 39.18 -18.39 -0.74
CA GLN C 145 39.75 -17.63 0.38
C GLN C 145 41.25 -17.25 0.33
N ASN C 146 41.94 -17.75 -0.67
CA ASN C 146 43.36 -17.54 -0.81
C ASN C 146 43.71 -16.41 -1.78
N ARG C 147 42.68 -15.92 -2.51
CA ARG C 147 42.87 -14.97 -3.61
C ARG C 147 43.25 -13.58 -3.09
N SER C 148 43.95 -12.79 -3.89
CA SER C 148 44.74 -11.64 -3.38
C SER C 148 44.20 -10.75 -2.22
N ASP C 149 42.97 -10.25 -2.28
CA ASP C 149 42.56 -9.25 -1.27
C ASP C 149 41.48 -9.76 -0.30
N TYR C 150 41.08 -11.02 -0.50
CA TYR C 150 39.97 -11.62 0.23
C TYR C 150 40.07 -11.26 1.70
N GLY C 151 38.94 -10.86 2.28
CA GLY C 151 38.89 -10.46 3.68
C GLY C 151 38.93 -8.96 3.88
N GLU C 152 39.35 -8.22 2.87
CA GLU C 152 39.35 -6.77 2.95
C GLU C 152 37.93 -6.18 2.97
N GLU C 153 36.94 -6.92 2.48
CA GLU C 153 35.59 -6.37 2.32
C GLU C 153 34.48 -7.18 2.99
N ILE C 154 33.34 -6.53 3.25
CA ILE C 154 32.44 -6.99 4.33
C ILE C 154 32.01 -8.48 4.37
N TYR C 155 31.67 -9.10 3.24
CA TYR C 155 31.07 -10.45 3.25
C TYR C 155 32.10 -11.57 3.11
N GLU C 156 33.34 -11.18 2.83
CA GLU C 156 34.49 -12.09 2.66
C GLU C 156 34.90 -12.82 3.95
N LYS C 157 33.92 -13.48 4.58
CA LYS C 157 34.10 -14.41 5.69
C LYS C 157 33.57 -15.77 5.26
N VAL C 158 34.37 -16.81 5.49
CA VAL C 158 33.99 -18.19 5.17
C VAL C 158 32.56 -18.53 5.57
N GLU C 159 32.17 -18.29 6.83
CA GLU C 159 30.80 -18.64 7.29
C GLU C 159 29.72 -17.90 6.48
N THR C 160 30.01 -16.64 6.13
CA THR C 160 29.13 -15.76 5.36
C THR C 160 28.99 -16.24 3.92
N GLN C 161 30.12 -16.57 3.29
CA GLN C 161 30.09 -17.18 1.95
C GLN C 161 29.18 -18.42 1.84
N LYS C 162 29.16 -19.27 2.88
CA LYS C 162 28.39 -20.53 2.88
C LYS C 162 26.90 -20.24 2.74
N LYS C 163 26.45 -19.22 3.47
CA LYS C 163 25.04 -18.87 3.53
C LYS C 163 24.63 -18.26 2.19
N ILE C 164 25.59 -17.64 1.51
CA ILE C 164 25.34 -17.01 0.22
C ILE C 164 25.22 -18.08 -0.87
N TYR C 165 26.19 -18.98 -0.91
CA TYR C 165 26.18 -20.19 -1.71
C TYR C 165 24.83 -20.95 -1.66
N GLU C 166 24.23 -21.08 -0.49
CA GLU C 166 22.94 -21.78 -0.37
C GLU C 166 21.80 -21.01 -1.01
N THR C 167 21.86 -19.68 -0.92
CA THR C 167 20.78 -18.83 -1.43
C THR C 167 20.91 -18.56 -2.95
N TYR C 168 22.10 -18.65 -3.50
CA TYR C 168 22.28 -18.61 -4.94
C TYR C 168 21.57 -19.79 -5.63
N LYS C 169 21.42 -20.90 -4.91
CA LYS C 169 20.76 -22.09 -5.45
C LYS C 169 19.33 -21.83 -5.83
N HIS C 170 18.74 -20.83 -5.18
CA HIS C 170 17.39 -20.39 -5.47
C HIS C 170 17.21 -19.97 -6.96
N PHE C 171 18.31 -19.95 -7.70
CA PHE C 171 18.30 -19.60 -9.13
C PHE C 171 18.84 -20.75 -10.00
N ALA C 172 19.33 -21.77 -9.33
CA ALA C 172 20.13 -22.83 -9.93
C ALA C 172 19.57 -23.55 -11.13
N HIS C 173 18.27 -23.80 -11.24
CA HIS C 173 17.94 -24.54 -12.44
C HIS C 173 16.81 -24.08 -13.32
N GLU C 174 17.03 -22.88 -13.73
CA GLU C 174 16.20 -21.92 -14.48
C GLU C 174 16.68 -21.77 -15.93
N ASP C 175 15.73 -21.46 -16.83
CA ASP C 175 15.99 -21.19 -18.25
C ASP C 175 17.34 -20.53 -18.57
N TYR C 176 17.50 -19.31 -18.05
CA TYR C 176 18.59 -18.38 -18.36
C TYR C 176 19.85 -18.60 -17.52
N TRP C 177 19.78 -19.55 -16.59
CA TRP C 177 20.83 -19.79 -15.59
C TRP C 177 21.82 -20.86 -16.03
N ILE C 178 23.10 -20.52 -16.10
CA ILE C 178 24.09 -21.49 -16.61
C ILE C 178 25.27 -21.70 -15.65
N ASN C 179 25.25 -22.84 -14.95
CA ASN C 179 26.25 -23.15 -13.91
C ASN C 179 27.60 -23.50 -14.52
N ILE C 180 28.63 -22.77 -14.13
CA ILE C 180 29.96 -23.01 -14.68
C ILE C 180 30.89 -23.42 -13.55
N ASP C 181 31.52 -24.59 -13.71
CA ASP C 181 32.53 -25.06 -12.77
C ASP C 181 33.79 -24.20 -12.89
N ALA C 182 33.84 -23.15 -12.04
CA ALA C 182 34.91 -22.16 -12.08
C ALA C 182 36.11 -22.49 -11.18
N THR C 183 36.22 -23.76 -10.78
CA THR C 183 37.37 -24.20 -10.00
C THR C 183 38.58 -24.41 -10.89
N ARG C 184 38.35 -24.36 -12.21
CA ARG C 184 39.38 -24.72 -13.19
C ARG C 184 40.41 -23.62 -13.49
N LYS C 185 41.31 -23.89 -14.44
CA LYS C 185 42.24 -22.88 -14.93
C LYS C 185 41.37 -21.92 -15.73
N ILE C 186 41.75 -20.63 -15.67
CA ILE C 186 41.00 -19.55 -16.32
C ILE C 186 40.55 -19.91 -17.77
N GLU C 187 41.53 -20.26 -18.61
CA GLU C 187 41.32 -20.54 -20.04
C GLU C 187 40.32 -21.67 -20.35
N ASP C 188 40.24 -22.68 -19.48
CA ASP C 188 39.24 -23.75 -19.61
C ASP C 188 37.85 -23.20 -19.32
N ILE C 189 37.74 -22.36 -18.28
CA ILE C 189 36.47 -21.67 -17.97
C ILE C 189 36.04 -20.82 -19.18
N HIS C 190 36.93 -19.91 -19.59
CA HIS C 190 36.70 -19.09 -20.75
C HIS C 190 36.08 -19.94 -21.88
N ASN C 191 36.75 -21.04 -22.22
CA ASN C 191 36.26 -21.96 -23.26
C ASN C 191 34.79 -22.34 -23.10
N ASP C 192 34.44 -22.86 -21.93
CA ASP C 192 33.06 -23.29 -21.70
C ASP C 192 32.06 -22.13 -21.87
N ILE C 193 32.48 -20.93 -21.51
CA ILE C 193 31.65 -19.75 -21.74
C ILE C 193 31.45 -19.55 -23.23
N VAL C 194 32.52 -19.32 -23.97
CA VAL C 194 32.39 -19.08 -25.41
C VAL C 194 31.46 -20.07 -26.11
N LYS C 195 31.57 -21.34 -25.73
CA LYS C 195 30.76 -22.41 -26.32
C LYS C 195 29.28 -22.09 -26.19
N GLU C 196 28.87 -21.66 -25.02
CA GLU C 196 27.47 -21.30 -24.83
C GLU C 196 27.12 -19.95 -25.46
N VAL C 197 28.13 -19.12 -25.71
CA VAL C 197 27.92 -17.79 -26.27
C VAL C 197 27.69 -17.88 -27.76
N THR C 198 28.46 -18.74 -28.42
CA THR C 198 28.29 -19.00 -29.86
C THR C 198 26.89 -19.51 -30.13
N LYS C 199 26.31 -20.24 -29.17
CA LYS C 199 24.93 -20.70 -29.23
C LYS C 199 23.87 -19.58 -29.37
N ILE C 200 24.16 -18.31 -29.10
CA ILE C 200 23.08 -17.28 -29.24
C ILE C 200 22.48 -16.92 -30.65
N LYS C 201 21.17 -16.60 -30.71
CA LYS C 201 20.49 -16.18 -31.90
C LYS C 201 20.52 -14.65 -31.74
N VAL C 202 21.05 -14.00 -32.76
CA VAL C 202 21.38 -12.59 -32.90
C VAL C 202 20.20 -11.63 -33.15
N GLU C 203 19.00 -12.18 -33.41
CA GLU C 203 17.82 -11.43 -33.93
C GLU C 203 17.10 -10.50 -32.94
N PRO C 204 16.59 -9.34 -33.42
CA PRO C 204 15.88 -8.39 -32.57
C PRO C 204 14.79 -9.10 -31.78
N GLU C 205 14.35 -8.52 -30.66
CA GLU C 205 13.27 -9.10 -29.86
C GLU C 205 12.70 -8.11 -28.88
N GLU C 206 11.62 -8.52 -28.23
CA GLU C 206 11.01 -7.74 -27.17
C GLU C 206 11.90 -7.69 -25.93
N PHE C 207 11.83 -6.56 -25.23
CA PHE C 207 12.49 -6.47 -23.95
C PHE C 207 11.79 -7.39 -22.95
N ASN C 208 12.57 -8.05 -22.10
CA ASN C 208 12.00 -8.78 -20.95
C ASN C 208 12.39 -8.19 -19.59
N PHE C 209 11.58 -8.46 -18.58
CA PHE C 209 11.82 -7.84 -17.29
C PHE C 209 11.86 -8.80 -16.16
N LEU C 210 12.69 -8.49 -15.16
CA LEU C 210 12.58 -9.19 -13.89
C LEU C 210 11.19 -8.88 -13.35
N TRP C 211 10.52 -9.88 -12.79
CA TRP C 211 11.14 -11.16 -12.54
C TRP C 211 10.60 -12.32 -13.39
N SER C 212 9.90 -12.01 -14.49
CA SER C 212 9.33 -13.04 -15.37
C SER C 212 10.35 -14.08 -15.89
#